data_6KRY
#
_entry.id   6KRY
#
_cell.length_a   42.000
_cell.length_b   64.420
_cell.length_c   50.140
_cell.angle_alpha   90.000
_cell.angle_beta   110.030
_cell.angle_gamma   90.000
#
_symmetry.space_group_name_H-M   'P 1 21 1'
#
loop_
_entity.id
_entity.type
_entity.pdbx_description
1 polymer 'Enterotoxin SEN variant'
2 water water
#
_entity_poly.entity_id   1
_entity_poly.type   'polypeptide(L)'
_entity_poly.pdbx_seq_one_letter_code
;DVDKNDLKKKSDIDSSKLFNLTSYYTDITWQLDESNKISTDQLLNNTIILKDIDISVLKTSSLKVEFNSSDLANQFKGKN
IDIYGLYYGNKCVGLTEEKTSCLYGGVTIYDGNQLDEERVIGVNVFKDGIQQEGFVIKTKKAKVTVQELDTKVRFKLENL
YKIYNKDTGNIQKGCIFFHSNNHQNQSFYYDLYNIKGSVGAEFFQFYSDNRTVSSSNYHIDVFLYKD
;
_entity_poly.pdbx_strand_id   A
#
# COMPACT_ATOMS: atom_id res chain seq x y z
N ASP A 3 13.35 -15.35 -11.04
CA ASP A 3 14.42 -14.98 -12.05
C ASP A 3 14.90 -13.56 -11.74
N LYS A 4 16.11 -13.44 -11.20
CA LYS A 4 16.68 -12.16 -10.80
C LYS A 4 16.78 -11.18 -11.97
N ASN A 5 16.90 -11.68 -13.21
CA ASN A 5 17.07 -10.79 -14.36
C ASN A 5 15.72 -10.23 -14.85
N ASP A 6 14.61 -10.66 -14.26
CA ASP A 6 13.32 -10.04 -14.45
C ASP A 6 13.07 -8.91 -13.44
N LEU A 7 13.94 -8.78 -12.42
CA LEU A 7 13.73 -7.76 -11.40
C LEU A 7 14.55 -6.51 -11.74
N LYS A 8 14.00 -5.34 -11.45
CA LYS A 8 14.69 -4.07 -11.70
C LYS A 8 15.76 -3.85 -10.62
N LYS A 9 16.72 -3.01 -10.94
CA LYS A 9 17.87 -2.77 -10.11
C LYS A 9 17.71 -1.45 -9.34
N LYS A 10 18.03 -1.44 -8.04
CA LYS A 10 18.01 -0.21 -7.27
C LYS A 10 18.89 0.90 -7.89
N SER A 11 20.07 0.54 -8.40
CA SER A 11 21.03 1.52 -8.93
C SER A 11 20.51 2.20 -10.21
N ASP A 12 19.44 1.70 -10.82
CA ASP A 12 18.82 2.35 -12.00
C ASP A 12 17.73 3.35 -11.62
N ILE A 13 17.45 3.51 -10.32
CA ILE A 13 16.45 4.43 -9.87
C ILE A 13 17.17 5.76 -9.59
N ASP A 14 16.63 6.83 -10.16
CA ASP A 14 17.10 8.18 -9.94
C ASP A 14 17.26 8.44 -8.43
N SER A 15 18.35 9.10 -8.02
CA SER A 15 18.57 9.36 -6.61
C SER A 15 17.42 10.18 -6.00
N SER A 16 16.84 11.14 -6.72
CA SER A 16 15.71 11.93 -6.13
C SER A 16 14.50 11.03 -5.81
N LYS A 17 14.24 10.07 -6.68
CA LYS A 17 13.17 9.14 -6.48
C LYS A 17 13.42 8.28 -5.24
N LEU A 18 14.61 7.73 -5.07
CA LEU A 18 14.90 6.94 -3.89
C LEU A 18 14.72 7.78 -2.63
N PHE A 19 15.10 9.06 -2.71
CA PHE A 19 14.95 9.95 -1.57
C PHE A 19 13.47 10.11 -1.16
N ASN A 20 12.61 10.35 -2.16
CA ASN A 20 11.15 10.46 -1.93
C ASN A 20 10.55 9.11 -1.49
N LEU A 21 10.99 7.99 -2.06
CA LEU A 21 10.50 6.67 -1.61
C LEU A 21 10.93 6.41 -0.16
N THR A 22 12.14 6.81 0.20
CA THR A 22 12.62 6.63 1.56
C THR A 22 11.67 7.32 2.55
N SER A 23 11.27 8.57 2.25
CA SER A 23 10.33 9.31 3.10
C SER A 23 9.02 8.54 3.27
N TYR A 24 8.49 8.04 2.15
CA TYR A 24 7.23 7.29 2.15
C TYR A 24 7.26 6.02 3.02
N TYR A 25 8.45 5.40 3.17
CA TYR A 25 8.57 4.13 3.84
C TYR A 25 9.35 4.27 5.16
N THR A 26 9.67 5.52 5.55
CA THR A 26 10.29 5.80 6.86
C THR A 26 9.30 6.50 7.80
N ASP A 27 8.52 7.47 7.30
CA ASP A 27 7.68 8.33 8.19
C ASP A 27 6.28 7.72 8.26
N ILE A 28 5.89 7.20 9.44
CA ILE A 28 4.59 6.47 9.58
C ILE A 28 3.41 7.39 9.25
N THR A 29 3.61 8.71 9.25
CA THR A 29 2.52 9.66 9.01
C THR A 29 1.95 9.52 7.58
N TRP A 30 2.68 8.93 6.63
CA TRP A 30 2.14 8.72 5.29
C TRP A 30 1.07 7.61 5.24
N GLN A 31 0.96 6.78 6.30
CA GLN A 31 0.03 5.66 6.35
C GLN A 31 -1.29 6.14 6.95
N LEU A 32 -2.30 6.20 6.10
CA LEU A 32 -3.68 6.50 6.46
C LEU A 32 -4.32 5.18 6.92
N ASP A 33 -5.02 5.23 8.06
CA ASP A 33 -5.65 4.06 8.66
C ASP A 33 -6.96 4.57 9.30
N GLU A 34 -8.06 4.51 8.53
CA GLU A 34 -9.31 5.12 8.93
C GLU A 34 -10.37 4.04 8.99
N SER A 35 -11.27 4.11 9.98
CA SER A 35 -12.32 3.07 10.13
C SER A 35 -13.71 3.68 10.13
N ASN A 36 -14.62 2.98 9.49
CA ASN A 36 -16.07 3.23 9.52
C ASN A 36 -16.38 4.67 9.05
N LYS A 37 -15.92 4.97 7.85
CA LYS A 37 -16.18 6.23 7.20
C LYS A 37 -17.17 5.99 6.07
N ILE A 38 -17.65 7.08 5.47
CA ILE A 38 -18.64 7.00 4.39
C ILE A 38 -18.37 8.16 3.42
N SER A 39 -18.42 7.87 2.13
CA SER A 39 -18.23 8.89 1.11
C SER A 39 -19.52 9.67 0.89
N THR A 40 -19.36 10.98 0.59
CA THR A 40 -20.49 11.89 0.42
C THR A 40 -20.40 12.73 -0.87
N ASP A 41 -19.35 12.55 -1.67
CA ASP A 41 -19.24 13.26 -2.98
C ASP A 41 -18.34 12.43 -3.91
N GLN A 42 -18.16 12.94 -5.13
CA GLN A 42 -17.52 12.23 -6.17
C GLN A 42 -17.13 13.24 -7.25
N LEU A 43 -15.95 13.11 -7.85
CA LEU A 43 -15.60 13.88 -9.07
C LEU A 43 -15.70 12.92 -10.25
N LEU A 44 -14.59 12.31 -10.66
CA LEU A 44 -14.73 11.34 -11.76
C LEU A 44 -15.48 10.13 -11.22
N ASN A 45 -16.05 9.34 -12.13
CA ASN A 45 -16.87 8.19 -11.80
C ASN A 45 -16.07 7.07 -11.15
N ASN A 46 -14.76 7.13 -11.20
CA ASN A 46 -13.93 6.12 -10.53
C ASN A 46 -13.34 6.64 -9.20
N THR A 47 -13.93 7.71 -8.62
CA THR A 47 -13.50 8.28 -7.35
C THR A 47 -14.67 8.33 -6.37
N ILE A 48 -14.34 8.38 -5.08
CA ILE A 48 -15.24 8.75 -4.03
C ILE A 48 -14.52 9.74 -3.11
N ILE A 49 -15.29 10.67 -2.52
CA ILE A 49 -14.76 11.69 -1.68
C ILE A 49 -15.39 11.60 -0.29
N LEU A 50 -14.51 11.63 0.71
CA LEU A 50 -14.82 11.56 2.12
C LEU A 50 -14.41 12.85 2.82
N LYS A 51 -15.29 13.35 3.70
CA LYS A 51 -15.07 14.58 4.46
C LYS A 51 -14.49 14.26 5.85
N ASP A 52 -13.92 15.28 6.49
CA ASP A 52 -13.49 15.18 7.89
C ASP A 52 -12.51 14.03 8.05
N ILE A 53 -11.58 13.94 7.12
CA ILE A 53 -10.42 13.10 7.28
C ILE A 53 -9.22 14.03 7.41
N ASP A 54 -8.73 14.19 8.64
CA ASP A 54 -7.79 15.26 8.94
C ASP A 54 -6.38 14.68 8.87
N ILE A 55 -5.58 15.27 7.98
CA ILE A 55 -4.21 14.88 7.83
C ILE A 55 -3.35 16.13 8.14
N SER A 56 -2.83 16.12 9.35
CA SER A 56 -2.15 17.24 9.92
C SER A 56 -0.95 17.68 9.06
N VAL A 57 -0.15 16.71 8.62
CA VAL A 57 1.10 17.06 7.98
C VAL A 57 0.87 17.75 6.64
N LEU A 58 -0.28 17.54 5.97
CA LEU A 58 -0.55 18.22 4.67
C LEU A 58 -1.60 19.31 4.84
N LYS A 59 -2.14 19.45 6.06
CA LYS A 59 -3.20 20.42 6.40
C LYS A 59 -4.42 20.21 5.51
N THR A 60 -4.82 18.94 5.29
CA THR A 60 -6.01 18.62 4.49
C THR A 60 -7.09 18.03 5.40
N SER A 61 -8.35 18.14 4.97
CA SER A 61 -9.55 17.74 5.71
C SER A 61 -10.41 16.75 4.94
N SER A 62 -10.18 16.63 3.63
CA SER A 62 -10.95 15.71 2.78
C SER A 62 -10.03 14.68 2.13
N LEU A 63 -10.61 13.55 1.71
CA LEU A 63 -9.85 12.48 1.09
C LEU A 63 -10.58 12.03 -0.18
N LYS A 64 -9.83 11.94 -1.28
CA LYS A 64 -10.41 11.37 -2.47
C LYS A 64 -9.72 10.04 -2.70
N VAL A 65 -10.51 8.99 -2.79
CA VAL A 65 -10.01 7.68 -3.17
C VAL A 65 -10.26 7.49 -4.66
N GLU A 66 -9.19 7.04 -5.34
CA GLU A 66 -9.19 6.78 -6.76
C GLU A 66 -9.06 5.27 -7.00
N PHE A 67 -9.96 4.73 -7.85
CA PHE A 67 -10.01 3.35 -8.24
C PHE A 67 -9.77 3.29 -9.75
N ASN A 68 -9.56 2.08 -10.28
CA ASN A 68 -9.23 1.93 -11.68
C ASN A 68 -10.51 1.70 -12.51
N SER A 69 -11.69 1.80 -11.89
CA SER A 69 -12.97 1.57 -12.60
C SER A 69 -14.11 2.25 -11.86
N SER A 70 -15.16 2.60 -12.62
CA SER A 70 -16.42 3.06 -12.11
C SER A 70 -17.08 1.95 -11.29
N ASP A 71 -16.93 0.72 -11.75
CA ASP A 71 -17.44 -0.44 -11.02
C ASP A 71 -16.95 -0.47 -9.56
N LEU A 72 -15.65 -0.23 -9.34
CA LEU A 72 -15.12 -0.28 -7.97
C LEU A 72 -15.69 0.87 -7.15
N ALA A 73 -15.73 2.08 -7.72
CA ALA A 73 -16.29 3.19 -6.98
C ALA A 73 -17.74 2.90 -6.55
N ASN A 74 -18.54 2.33 -7.46
CA ASN A 74 -19.95 2.01 -7.23
C ASN A 74 -20.12 0.99 -6.10
N GLN A 75 -19.17 0.09 -5.94
CA GLN A 75 -19.20 -0.91 -4.87
C GLN A 75 -19.09 -0.23 -3.50
N PHE A 76 -18.37 0.89 -3.42
CA PHE A 76 -18.03 1.49 -2.15
C PHE A 76 -18.69 2.85 -1.89
N LYS A 77 -19.21 3.56 -2.91
CA LYS A 77 -19.71 4.90 -2.65
C LYS A 77 -20.93 4.84 -1.70
N GLY A 78 -20.87 5.66 -0.65
CA GLY A 78 -22.00 5.78 0.30
C GLY A 78 -22.21 4.56 1.19
N LYS A 79 -21.22 3.65 1.27
CA LYS A 79 -21.23 2.55 2.20
C LYS A 79 -20.24 2.81 3.32
N ASN A 80 -20.45 2.16 4.48
CA ASN A 80 -19.46 2.25 5.55
C ASN A 80 -18.19 1.50 5.13
N ILE A 81 -17.03 2.16 5.17
CA ILE A 81 -15.79 1.61 4.68
C ILE A 81 -14.66 1.88 5.68
N ASP A 82 -13.64 1.03 5.59
CA ASP A 82 -12.31 1.26 6.17
C ASP A 82 -11.36 1.61 5.03
N ILE A 83 -10.33 2.41 5.37
CA ILE A 83 -9.40 2.84 4.38
C ILE A 83 -7.99 2.70 4.94
N TYR A 84 -7.09 2.11 4.15
CA TYR A 84 -5.75 1.96 4.57
C TYR A 84 -4.87 2.18 3.32
N GLY A 85 -3.90 3.09 3.41
CA GLY A 85 -2.85 3.12 2.40
C GLY A 85 -1.99 4.36 2.46
N LEU A 86 -1.22 4.54 1.39
CA LEU A 86 -0.30 5.67 1.28
C LEU A 86 -0.93 6.80 0.44
N TYR A 87 -1.03 7.99 1.04
CA TYR A 87 -1.69 9.11 0.40
C TYR A 87 -0.66 10.09 -0.16
N TYR A 88 -1.18 11.00 -1.00
CA TYR A 88 -0.41 12.05 -1.58
C TYR A 88 -1.23 13.34 -1.61
N GLY A 89 -0.52 14.47 -1.56
CA GLY A 89 -1.14 15.78 -1.57
C GLY A 89 -0.91 16.52 -2.89
N ASN A 90 0.28 16.35 -3.49
CA ASN A 90 0.73 17.01 -4.73
C ASN A 90 0.02 16.38 -5.94
N LYS A 91 -0.61 17.22 -6.78
CA LYS A 91 -1.41 16.80 -7.98
C LYS A 91 -2.79 16.28 -7.55
N CYS A 92 -3.14 16.40 -6.26
CA CYS A 92 -4.43 15.88 -5.77
C CYS A 92 -5.46 16.99 -5.99
N VAL A 93 -6.50 16.67 -6.74
CA VAL A 93 -7.61 17.57 -6.98
C VAL A 93 -8.83 17.09 -6.21
N GLY A 94 -9.35 17.96 -5.34
CA GLY A 94 -10.60 17.77 -4.68
C GLY A 94 -11.61 18.85 -5.04
N LEU A 95 -12.65 18.92 -4.21
CA LEU A 95 -13.65 19.94 -4.31
C LEU A 95 -13.00 21.33 -4.17
N THR A 96 -13.53 22.35 -4.86
CA THR A 96 -12.82 23.62 -5.12
C THR A 96 -12.42 24.36 -3.83
N GLU A 97 -13.30 24.32 -2.83
CA GLU A 97 -13.15 25.08 -1.60
C GLU A 97 -12.71 24.15 -0.46
N GLU A 98 -12.08 23.02 -0.79
CA GLU A 98 -11.68 22.06 0.22
C GLU A 98 -10.17 21.84 0.07
N LYS A 99 -9.56 21.32 1.12
CA LYS A 99 -8.16 20.94 1.09
C LYS A 99 -8.14 19.40 1.10
N THR A 100 -7.59 18.80 0.05
CA THR A 100 -7.86 17.40 -0.20
C THR A 100 -6.56 16.64 -0.39
N SER A 101 -6.47 15.44 0.21
CA SER A 101 -5.46 14.46 -0.10
C SER A 101 -6.08 13.28 -0.84
N CYS A 102 -5.22 12.47 -1.44
CA CYS A 102 -5.62 11.41 -2.33
C CYS A 102 -4.92 10.09 -2.00
N LEU A 103 -5.63 9.00 -2.25
CA LEU A 103 -5.13 7.64 -2.01
C LEU A 103 -5.70 6.75 -3.15
N TYR A 104 -4.93 5.76 -3.62
CA TYR A 104 -5.44 4.79 -4.57
C TYR A 104 -5.92 3.53 -3.85
N GLY A 105 -7.16 3.14 -4.16
CA GLY A 105 -7.76 1.93 -3.58
C GLY A 105 -7.72 1.96 -2.06
N GLY A 106 -7.29 0.84 -1.46
CA GLY A 106 -7.13 0.77 0.00
C GLY A 106 -8.46 0.64 0.76
N VAL A 107 -9.56 0.30 0.08
CA VAL A 107 -10.88 0.34 0.66
C VAL A 107 -11.47 -1.07 0.84
N THR A 108 -12.05 -1.27 2.03
CA THR A 108 -12.82 -2.46 2.36
C THR A 108 -14.14 -2.00 3.01
N ILE A 109 -15.20 -2.75 2.73
CA ILE A 109 -16.49 -2.63 3.45
C ILE A 109 -16.21 -2.84 4.95
N TYR A 110 -16.77 -1.96 5.79
CA TYR A 110 -16.55 -1.99 7.19
C TYR A 110 -17.42 -3.09 7.83
N ASP A 111 -18.74 -3.11 7.50
CA ASP A 111 -19.73 -3.92 8.18
C ASP A 111 -19.40 -5.40 7.95
N GLY A 112 -19.31 -6.19 9.03
CA GLY A 112 -19.15 -7.62 8.92
C GLY A 112 -17.71 -8.04 8.66
N ASN A 113 -16.77 -7.08 8.61
CA ASN A 113 -15.38 -7.39 8.21
C ASN A 113 -14.42 -7.24 9.40
N GLN A 114 -14.95 -6.88 10.58
CA GLN A 114 -14.09 -6.61 11.70
C GLN A 114 -13.82 -7.86 12.52
N LEU A 115 -12.54 -8.29 12.62
CA LEU A 115 -12.21 -9.49 13.44
C LEU A 115 -12.28 -9.20 14.95
N ASP A 116 -12.49 -10.27 15.73
CA ASP A 116 -12.57 -10.12 17.21
C ASP A 116 -11.17 -9.95 17.79
N GLU A 117 -10.14 -10.37 17.05
CA GLU A 117 -8.78 -9.99 17.44
C GLU A 117 -7.89 -9.97 16.21
N GLU A 118 -6.69 -9.40 16.39
CA GLU A 118 -5.68 -9.22 15.36
C GLU A 118 -5.37 -10.55 14.69
N ARG A 119 -5.45 -10.60 13.35
CA ARG A 119 -4.99 -11.74 12.60
C ARG A 119 -3.50 -11.50 12.33
N VAL A 120 -2.71 -12.56 12.51
CA VAL A 120 -1.28 -12.50 12.31
C VAL A 120 -0.92 -13.14 10.97
N ILE A 121 -0.09 -12.47 10.19
CA ILE A 121 0.38 -12.95 8.89
C ILE A 121 1.92 -13.03 8.92
N GLY A 122 2.42 -14.23 8.60
CA GLY A 122 3.88 -14.52 8.64
C GLY A 122 4.55 -13.97 7.38
N VAL A 123 5.72 -13.38 7.57
CA VAL A 123 6.59 -12.89 6.50
C VAL A 123 7.95 -13.57 6.65
N ASN A 124 8.30 -14.42 5.70
CA ASN A 124 9.64 -15.02 5.62
C ASN A 124 10.53 -14.13 4.74
N VAL A 125 11.78 -13.96 5.15
CA VAL A 125 12.68 -13.11 4.43
C VAL A 125 13.94 -13.93 4.07
N PHE A 126 14.34 -13.84 2.80
CA PHE A 126 15.54 -14.45 2.28
C PHE A 126 16.45 -13.36 1.69
N LYS A 127 17.75 -13.45 1.98
CA LYS A 127 18.71 -12.52 1.45
C LYS A 127 19.84 -13.32 0.81
N ASP A 128 20.00 -13.15 -0.52
CA ASP A 128 20.81 -14.05 -1.40
C ASP A 128 20.60 -15.54 -1.08
N GLY A 129 19.33 -15.91 -0.95
CA GLY A 129 18.89 -17.27 -0.78
C GLY A 129 19.02 -17.77 0.64
N ILE A 130 19.63 -17.02 1.56
CA ILE A 130 19.76 -17.42 2.97
C ILE A 130 18.59 -16.86 3.81
N GLN A 131 17.87 -17.76 4.51
CA GLN A 131 16.79 -17.37 5.40
C GLN A 131 17.29 -16.42 6.50
N GLN A 132 16.59 -15.28 6.62
CA GLN A 132 16.79 -14.27 7.63
C GLN A 132 15.73 -14.45 8.74
N GLU A 133 15.83 -13.66 9.81
CA GLU A 133 14.82 -13.51 10.88
C GLU A 133 13.48 -13.22 10.18
N GLY A 134 12.44 -13.99 10.50
CA GLY A 134 11.11 -13.69 9.99
C GLY A 134 10.44 -12.63 10.86
N PHE A 135 9.26 -12.16 10.43
CA PHE A 135 8.45 -11.29 11.26
C PHE A 135 6.98 -11.45 10.86
N VAL A 136 6.07 -10.87 11.63
CA VAL A 136 4.68 -10.89 11.27
C VAL A 136 4.21 -9.46 11.09
N ILE A 137 3.09 -9.33 10.39
CA ILE A 137 2.29 -8.11 10.33
C ILE A 137 0.88 -8.53 10.74
N LYS A 138 0.07 -7.57 11.13
CA LYS A 138 -1.22 -7.85 11.68
C LYS A 138 -2.28 -6.97 11.03
N THR A 139 -3.52 -7.47 11.03
CA THR A 139 -4.68 -6.72 10.54
C THR A 139 -5.90 -7.14 11.37
N LYS A 140 -6.85 -6.24 11.46
CA LYS A 140 -8.09 -6.51 12.14
C LYS A 140 -9.21 -6.84 11.13
N LYS A 141 -8.86 -7.05 9.88
CA LYS A 141 -9.82 -7.17 8.77
C LYS A 141 -9.81 -8.58 8.21
N ALA A 142 -11.01 -9.14 7.97
CA ALA A 142 -11.15 -10.48 7.39
C ALA A 142 -10.73 -10.46 5.92
N LYS A 143 -11.25 -9.46 5.18
CA LYS A 143 -10.83 -9.06 3.87
C LYS A 143 -9.94 -7.84 4.03
N VAL A 144 -8.74 -7.89 3.43
CA VAL A 144 -7.71 -6.87 3.60
C VAL A 144 -7.13 -6.54 2.23
N THR A 145 -6.80 -5.27 2.00
CA THR A 145 -6.20 -4.94 0.72
C THR A 145 -4.73 -5.38 0.71
N VAL A 146 -4.28 -5.79 -0.48
CA VAL A 146 -2.89 -6.06 -0.67
C VAL A 146 -2.08 -4.81 -0.30
N GLN A 147 -2.60 -3.63 -0.63
CA GLN A 147 -1.88 -2.41 -0.33
C GLN A 147 -1.53 -2.36 1.18
N GLU A 148 -2.49 -2.69 2.04
CA GLU A 148 -2.27 -2.66 3.50
C GLU A 148 -1.14 -3.60 3.88
N LEU A 149 -1.19 -4.84 3.38
CA LEU A 149 -0.16 -5.87 3.69
C LEU A 149 1.22 -5.45 3.15
N ASP A 150 1.27 -5.04 1.87
CA ASP A 150 2.48 -4.62 1.18
C ASP A 150 3.13 -3.45 1.93
N THR A 151 2.33 -2.45 2.30
CA THR A 151 2.85 -1.28 2.93
C THR A 151 3.45 -1.64 4.29
N LYS A 152 2.74 -2.44 5.09
CA LYS A 152 3.24 -2.86 6.40
C LYS A 152 4.56 -3.64 6.30
N VAL A 153 4.66 -4.53 5.31
CA VAL A 153 5.93 -5.22 5.04
C VAL A 153 7.04 -4.24 4.59
N ARG A 154 6.75 -3.37 3.62
CA ARG A 154 7.75 -2.50 3.07
C ARG A 154 8.29 -1.56 4.15
N PHE A 155 7.41 -1.09 5.06
CA PHE A 155 7.82 -0.24 6.14
C PHE A 155 8.89 -0.96 6.99
N LYS A 156 8.62 -2.22 7.31
CA LYS A 156 9.54 -3.02 8.13
C LYS A 156 10.83 -3.33 7.35
N LEU A 157 10.71 -3.60 6.05
CA LEU A 157 11.92 -3.83 5.28
C LEU A 157 12.77 -2.55 5.20
N GLU A 158 12.13 -1.40 5.10
CA GLU A 158 12.91 -0.15 5.00
C GLU A 158 13.68 0.01 6.31
N ASN A 159 13.03 -0.31 7.43
CA ASN A 159 13.64 -0.13 8.75
C ASN A 159 14.83 -1.10 8.88
N LEU A 160 14.67 -2.37 8.48
CA LEU A 160 15.67 -3.42 8.73
C LEU A 160 16.77 -3.45 7.67
N TYR A 161 16.44 -3.16 6.41
CA TYR A 161 17.36 -3.40 5.29
C TYR A 161 17.68 -2.14 4.44
N LYS A 162 17.06 -0.99 4.73
CA LYS A 162 17.35 0.26 4.00
C LYS A 162 17.14 0.06 2.50
N ILE A 163 16.03 -0.59 2.15
CA ILE A 163 15.67 -0.89 0.80
C ILE A 163 15.84 0.33 -0.10
N TYR A 164 15.25 1.47 0.29
CA TYR A 164 15.13 2.61 -0.66
C TYR A 164 16.15 3.73 -0.42
N ASN A 165 17.00 3.60 0.59
CA ASN A 165 17.95 4.67 0.94
C ASN A 165 18.93 4.97 -0.18
N LYS A 166 19.03 6.26 -0.52
CA LYS A 166 19.87 6.73 -1.59
C LYS A 166 21.37 6.51 -1.31
N ASP A 167 21.76 6.26 -0.07
CA ASP A 167 23.20 6.14 0.24
C ASP A 167 23.49 4.75 0.81
N THR A 168 22.63 3.79 0.49
CA THR A 168 22.95 2.40 0.71
C THR A 168 22.86 1.65 -0.64
N GLY A 169 23.71 0.65 -0.84
CA GLY A 169 23.69 -0.11 -2.10
C GLY A 169 23.89 -1.60 -1.93
N ASN A 170 23.70 -2.13 -0.72
CA ASN A 170 23.98 -3.55 -0.46
C ASN A 170 22.77 -4.42 -0.88
N ILE A 171 21.55 -3.89 -0.84
CA ILE A 171 20.40 -4.58 -1.53
C ILE A 171 20.17 -3.93 -2.90
N GLN A 172 20.25 -4.69 -4.00
CA GLN A 172 20.08 -4.15 -5.35
C GLN A 172 18.78 -4.59 -5.99
N LYS A 173 18.25 -5.74 -5.60
CA LYS A 173 17.04 -6.23 -6.19
C LYS A 173 16.21 -6.89 -5.08
N GLY A 174 14.91 -6.99 -5.33
CA GLY A 174 14.07 -7.67 -4.37
C GLY A 174 12.64 -7.74 -4.81
N CYS A 175 11.91 -8.68 -4.22
CA CYS A 175 10.52 -8.80 -4.51
C CYS A 175 9.76 -9.39 -3.30
N ILE A 176 8.46 -9.16 -3.34
CA ILE A 176 7.52 -9.56 -2.32
C ILE A 176 6.45 -10.41 -2.97
N PHE A 177 6.33 -11.66 -2.48
CA PHE A 177 5.41 -12.65 -2.98
C PHE A 177 4.27 -12.87 -1.99
N PHE A 178 3.05 -12.93 -2.51
CA PHE A 178 1.86 -13.18 -1.73
C PHE A 178 1.39 -14.58 -2.08
N HIS A 179 1.42 -15.50 -1.12
CA HIS A 179 1.12 -16.94 -1.36
C HIS A 179 -0.14 -17.34 -0.60
N SER A 180 -1.05 -18.07 -1.26
CA SER A 180 -2.22 -18.63 -0.57
C SER A 180 -1.77 -19.83 0.29
N ASN A 181 -2.18 -19.83 1.56
CA ASN A 181 -1.93 -20.91 2.49
C ASN A 181 -2.53 -22.23 1.99
N ASN A 182 -3.72 -22.17 1.39
CA ASN A 182 -4.46 -23.39 0.99
C ASN A 182 -4.11 -23.81 -0.45
N HIS A 183 -3.23 -23.05 -1.12
CA HIS A 183 -2.74 -23.33 -2.51
C HIS A 183 -3.82 -23.18 -3.59
N GLN A 184 -4.96 -22.55 -3.26
CA GLN A 184 -6.06 -22.55 -4.21
C GLN A 184 -6.01 -21.33 -5.13
N ASN A 185 -5.21 -20.32 -4.77
CA ASN A 185 -5.06 -19.09 -5.59
C ASN A 185 -3.62 -19.01 -6.09
N GLN A 186 -3.44 -18.53 -7.33
CA GLN A 186 -2.15 -18.36 -7.94
C GLN A 186 -1.43 -17.27 -7.12
N SER A 187 -0.19 -17.54 -6.73
CA SER A 187 0.57 -16.56 -6.00
C SER A 187 0.94 -15.41 -6.95
N PHE A 188 1.31 -14.26 -6.40
CA PHE A 188 1.73 -13.13 -7.22
C PHE A 188 2.76 -12.33 -6.44
N TYR A 189 3.51 -11.49 -7.17
CA TYR A 189 4.55 -10.75 -6.57
C TYR A 189 4.56 -9.31 -7.09
N TYR A 190 5.18 -8.44 -6.30
CA TYR A 190 5.60 -7.12 -6.73
C TYR A 190 7.13 -7.03 -6.67
N ASP A 191 7.70 -6.31 -7.63
CA ASP A 191 9.08 -5.99 -7.64
C ASP A 191 9.25 -4.69 -6.86
N LEU A 192 10.05 -4.74 -5.80
CA LEU A 192 10.30 -3.62 -4.90
C LEU A 192 10.89 -2.41 -5.61
N TYR A 193 11.66 -2.62 -6.69
CA TYR A 193 12.35 -1.52 -7.34
C TYR A 193 11.68 -1.16 -8.65
N ASN A 194 10.51 -1.72 -8.91
CA ASN A 194 9.72 -1.42 -10.10
C ASN A 194 8.60 -0.46 -9.71
N ILE A 195 8.96 0.80 -9.53
CA ILE A 195 8.05 1.88 -9.13
C ILE A 195 7.85 2.83 -10.30
N LYS A 196 6.60 3.20 -10.57
CA LYS A 196 6.31 4.05 -11.73
C LYS A 196 6.42 5.52 -11.31
N GLY A 197 7.06 6.32 -12.18
CA GLY A 197 7.07 7.79 -12.14
C GLY A 197 7.97 8.37 -11.06
N SER A 198 7.71 9.63 -10.64
CA SER A 198 8.64 10.34 -9.77
C SER A 198 7.99 10.98 -8.53
N VAL A 199 6.65 10.88 -8.39
CA VAL A 199 5.94 11.38 -7.22
C VAL A 199 4.90 10.32 -6.79
N GLY A 200 4.40 10.48 -5.56
CA GLY A 200 3.36 9.60 -4.99
C GLY A 200 2.16 9.33 -5.90
N ALA A 201 1.64 10.34 -6.59
CA ALA A 201 0.50 10.21 -7.53
C ALA A 201 0.79 9.16 -8.60
N GLU A 202 2.07 8.96 -8.92
CA GLU A 202 2.42 7.94 -9.85
C GLU A 202 2.86 6.66 -9.14
N PHE A 203 3.71 6.76 -8.10
CA PHE A 203 4.26 5.59 -7.40
C PHE A 203 3.17 4.56 -7.06
N PHE A 204 2.01 5.05 -6.61
CA PHE A 204 1.07 4.16 -5.95
C PHE A 204 -0.18 3.91 -6.80
N GLN A 205 -0.19 4.41 -8.04
CA GLN A 205 -1.36 4.22 -8.91
C GLN A 205 -1.70 2.72 -9.11
N PHE A 206 -0.71 1.83 -9.02
CA PHE A 206 -0.99 0.41 -9.23
C PHE A 206 -1.93 -0.16 -8.16
N TYR A 207 -2.02 0.49 -6.99
CA TYR A 207 -2.94 0.04 -5.93
C TYR A 207 -4.42 0.36 -6.26
N SER A 208 -4.69 1.06 -7.39
CA SER A 208 -6.01 1.52 -7.78
C SER A 208 -6.92 0.33 -8.11
N ASP A 209 -6.35 -0.88 -8.28
CA ASP A 209 -7.13 -2.08 -8.53
C ASP A 209 -7.85 -2.55 -7.26
N ASN A 210 -7.47 -2.01 -6.11
CA ASN A 210 -8.12 -2.32 -4.83
C ASN A 210 -8.04 -3.83 -4.57
N ARG A 211 -6.98 -4.48 -5.02
CA ARG A 211 -6.88 -5.92 -4.89
C ARG A 211 -6.94 -6.30 -3.41
N THR A 212 -7.77 -7.31 -3.14
CA THR A 212 -8.21 -7.67 -1.81
C THR A 212 -8.02 -9.19 -1.63
N VAL A 213 -7.59 -9.62 -0.44
CA VAL A 213 -7.43 -11.04 -0.14
C VAL A 213 -8.03 -11.36 1.25
N SER A 214 -8.22 -12.66 1.50
CA SER A 214 -8.58 -13.17 2.80
C SER A 214 -7.35 -13.16 3.72
N SER A 215 -7.39 -12.41 4.81
CA SER A 215 -6.25 -12.34 5.76
C SER A 215 -5.97 -13.72 6.39
N SER A 216 -6.97 -14.61 6.43
CA SER A 216 -6.76 -15.96 7.01
C SER A 216 -5.92 -16.83 6.07
N ASN A 217 -5.84 -16.47 4.78
CA ASN A 217 -5.37 -17.43 3.77
C ASN A 217 -4.08 -17.01 3.06
N TYR A 218 -3.32 -16.04 3.59
CA TYR A 218 -2.16 -15.56 2.88
C TYR A 218 -0.96 -15.52 3.82
N HIS A 219 0.21 -15.75 3.24
CA HIS A 219 1.49 -15.49 3.92
C HIS A 219 2.41 -14.88 2.86
N ILE A 220 3.49 -14.28 3.33
CA ILE A 220 4.32 -13.45 2.44
C ILE A 220 5.75 -13.97 2.49
N ASP A 221 6.40 -14.01 1.32
CA ASP A 221 7.82 -14.28 1.26
C ASP A 221 8.51 -13.10 0.57
N VAL A 222 9.59 -12.60 1.17
CA VAL A 222 10.40 -11.53 0.63
C VAL A 222 11.75 -12.10 0.18
N PHE A 223 12.17 -11.77 -1.05
CA PHE A 223 13.47 -12.19 -1.59
C PHE A 223 14.27 -10.93 -1.87
N LEU A 224 15.44 -10.83 -1.25
CA LEU A 224 16.33 -9.73 -1.43
C LEU A 224 17.65 -10.24 -2.02
N TYR A 225 18.32 -9.39 -2.79
CA TYR A 225 19.56 -9.79 -3.49
C TYR A 225 20.55 -8.62 -3.46
N LYS A 226 21.82 -8.97 -3.16
CA LYS A 226 22.94 -8.06 -3.19
C LYS A 226 23.35 -7.72 -4.62
#